data_1S19
#
_entry.id   1S19
#
_cell.length_a   45.248
_cell.length_b   52.550
_cell.length_c   132.909
_cell.angle_alpha   90.00
_cell.angle_beta   90.00
_cell.angle_gamma   90.00
#
_symmetry.space_group_name_H-M   'P 21 21 21'
#
loop_
_entity.id
_entity.type
_entity.pdbx_description
1 polymer 'Vitamin D3 receptor'
2 non-polymer CALCIPOTRIOL
3 water water
#
_entity_poly.entity_id   1
_entity_poly.type   'polypeptide(L)'
_entity_poly.pdbx_seq_one_letter_code
;GSHMDSLRPKLSEEQQRIIAILLDAHHKTYDPTYSDFCQFRPPVRVNDGGGSVTLELSQLSMLPHLADLVSYSIQKVIGF
AKMIPGFRDLTSEDQIVLLKSSAIEVIMLRSNESFTMDDMSWTCGNQDYKYRVSDVTKAGHSLELIEPLIKFQVGLKKLN
LHEEEHVLLMAICIVSPDRPGVQDAALIEAIQDRLSNTLQTYIRCRHPPPGSHLLYAKMIQKLADLRSLNEEHSKQYRCL
SFQPECSMKLTPLVLEVFGNEIS
;
_entity_poly.pdbx_strand_id   A
#
loop_
_chem_comp.id
_chem_comp.type
_chem_comp.name
_chem_comp.formula
MC9 non-polymer CALCIPOTRIOL 'C27 H40 O3'
#
# COMPACT_ATOMS: atom_id res chain seq x y z
N LEU A 7 19.69 24.03 11.50
CA LEU A 7 20.63 22.95 11.90
C LEU A 7 20.32 21.66 11.18
N ARG A 8 21.37 20.93 10.82
CA ARG A 8 21.20 19.66 10.12
C ARG A 8 21.98 18.56 10.82
N PRO A 9 21.46 18.10 11.98
CA PRO A 9 22.15 17.04 12.71
C PRO A 9 22.32 15.81 11.84
N LYS A 10 23.43 15.11 12.04
CA LYS A 10 23.72 13.90 11.26
C LYS A 10 22.86 12.75 11.77
N LEU A 11 22.73 11.73 10.93
CA LEU A 11 21.96 10.55 11.30
C LEU A 11 22.74 9.80 12.37
N SER A 12 22.09 9.46 13.46
CA SER A 12 22.77 8.73 14.51
C SER A 12 23.07 7.32 13.99
N GLU A 13 23.90 6.59 14.72
CA GLU A 13 24.25 5.23 14.33
C GLU A 13 22.98 4.38 14.29
N GLU A 14 22.12 4.59 15.28
CA GLU A 14 20.86 3.85 15.38
C GLU A 14 19.94 4.14 14.21
N GLN A 15 19.81 5.42 13.86
CA GLN A 15 18.96 5.83 12.77
C GLN A 15 19.43 5.19 11.46
N GLN A 16 20.73 5.17 11.23
CA GLN A 16 21.28 4.57 10.03
C GLN A 16 20.96 3.08 10.01
N ARG A 17 20.97 2.46 11.18
CA ARG A 17 20.67 1.03 11.31
C ARG A 17 19.20 0.76 10.97
N ILE A 18 18.32 1.64 11.44
CA ILE A 18 16.89 1.50 11.16
C ILE A 18 16.65 1.52 9.65
N ILE A 19 17.28 2.47 8.97
CA ILE A 19 17.14 2.61 7.53
C ILE A 19 17.67 1.36 6.81
N ALA A 20 18.83 0.87 7.23
CA ALA A 20 19.43 -0.31 6.62
C ALA A 20 18.50 -1.52 6.78
N ILE A 21 17.93 -1.67 7.97
CA ILE A 21 17.02 -2.77 8.26
C ILE A 21 15.77 -2.70 7.38
N LEU A 22 15.23 -1.50 7.21
CA LEU A 22 14.02 -1.32 6.39
C LEU A 22 14.29 -1.54 4.90
N LEU A 23 15.44 -1.08 4.43
CA LEU A 23 15.77 -1.29 3.02
C LEU A 23 15.87 -2.79 2.76
N ASP A 24 16.52 -3.50 3.69
CA ASP A 24 16.68 -4.95 3.58
C ASP A 24 15.32 -5.66 3.63
N ALA A 25 14.45 -5.22 4.53
CA ALA A 25 13.13 -5.82 4.66
C ALA A 25 12.36 -5.67 3.36
N HIS A 26 12.43 -4.49 2.76
CA HIS A 26 11.73 -4.26 1.50
C HIS A 26 12.29 -5.10 0.35
N HIS A 27 13.62 -5.18 0.25
CA HIS A 27 14.24 -5.95 -0.83
C HIS A 27 13.87 -7.43 -0.75
N LYS A 28 13.64 -7.91 0.47
CA LYS A 28 13.25 -9.31 0.70
C LYS A 28 11.76 -9.57 0.52
N THR A 29 10.95 -8.51 0.53
CA THR A 29 9.50 -8.66 0.40
C THR A 29 8.87 -8.02 -0.84
N TYR A 30 9.68 -7.39 -1.67
CA TYR A 30 9.17 -6.77 -2.89
C TYR A 30 10.03 -7.21 -4.08
N ASP A 31 9.48 -8.10 -4.89
CA ASP A 31 10.16 -8.62 -6.06
C ASP A 31 9.93 -7.68 -7.25
N PRO A 32 10.97 -6.92 -7.64
CA PRO A 32 10.87 -5.96 -8.75
C PRO A 32 10.74 -6.62 -10.12
N THR A 33 10.82 -7.93 -10.18
CA THR A 33 10.68 -8.64 -11.46
C THR A 33 9.27 -9.21 -11.59
N TYR A 34 8.53 -9.21 -10.49
CA TYR A 34 7.16 -9.72 -10.51
C TYR A 34 7.09 -11.15 -11.03
N SER A 35 8.11 -11.94 -10.75
CA SER A 35 8.16 -13.32 -11.22
C SER A 35 7.14 -14.29 -10.63
N ASP A 36 6.46 -13.92 -9.55
CA ASP A 36 5.46 -14.82 -8.96
C ASP A 36 4.06 -14.66 -9.55
N PHE A 37 3.84 -13.56 -10.27
CA PHE A 37 2.54 -13.24 -10.83
C PHE A 37 1.87 -14.29 -11.74
N CYS A 38 2.66 -15.18 -12.33
CA CYS A 38 2.08 -16.19 -13.19
C CYS A 38 1.42 -17.29 -12.36
N GLN A 39 1.61 -17.24 -11.05
CA GLN A 39 1.01 -18.23 -10.16
C GLN A 39 -0.40 -17.84 -9.72
N PHE A 40 -0.77 -16.58 -9.94
CA PHE A 40 -2.10 -16.11 -9.57
C PHE A 40 -3.11 -16.59 -10.60
N ARG A 41 -4.39 -16.55 -10.24
CA ARG A 41 -5.42 -16.94 -11.19
C ARG A 41 -5.27 -15.94 -12.33
N PRO A 42 -5.36 -16.42 -13.57
CA PRO A 42 -5.21 -15.58 -14.76
C PRO A 42 -6.16 -14.40 -14.85
N PRO A 43 -5.66 -13.27 -15.37
CA PRO A 43 -6.53 -12.11 -15.51
C PRO A 43 -7.43 -12.38 -16.70
N VAL A 44 -8.69 -11.97 -16.62
CA VAL A 44 -9.64 -12.16 -17.70
C VAL A 44 -10.28 -10.80 -17.96
N ARG A 45 -10.09 -10.29 -19.17
CA ARG A 45 -10.63 -8.98 -19.53
C ARG A 45 -11.77 -9.07 -20.54
N VAL A 46 -12.99 -9.02 -20.02
CA VAL A 46 -14.19 -9.07 -20.86
C VAL A 46 -14.46 -7.73 -21.54
N ASN A 47 -15.24 -7.75 -22.61
CA ASN A 47 -15.56 -6.53 -23.33
C ASN A 47 -16.55 -5.70 -22.52
N ASP A 48 -16.15 -4.50 -22.15
CA ASP A 48 -17.00 -3.61 -21.37
C ASP A 48 -16.59 -2.15 -21.60
N GLY A 49 -16.60 -1.76 -22.88
CA GLY A 49 -16.23 -0.40 -23.22
C GLY A 49 -17.18 0.64 -22.66
N GLY A 50 -18.38 0.21 -22.28
CA GLY A 50 -19.36 1.13 -21.74
C GLY A 50 -19.25 1.32 -20.23
N GLY A 51 -18.45 0.49 -19.58
CA GLY A 51 -18.29 0.58 -18.14
C GLY A 51 -19.62 0.27 -17.45
N SER A 52 -20.27 -0.80 -17.90
CA SER A 52 -21.54 -1.21 -17.33
C SER A 52 -21.38 -1.86 -15.96
N VAL A 53 -21.96 -1.23 -14.94
CA VAL A 53 -21.88 -1.75 -13.59
C VAL A 53 -22.57 -3.11 -13.51
N THR A 54 -23.70 -3.22 -14.20
CA THR A 54 -24.46 -4.47 -14.22
C THR A 54 -23.60 -5.60 -14.79
N LEU A 55 -22.96 -5.34 -15.92
CA LEU A 55 -22.11 -6.33 -16.57
C LEU A 55 -20.91 -6.68 -15.69
N GLU A 56 -20.24 -5.64 -15.18
CA GLU A 56 -19.07 -5.81 -14.33
C GLU A 56 -19.36 -6.67 -13.11
N LEU A 57 -20.48 -6.39 -12.43
CA LEU A 57 -20.88 -7.14 -11.24
C LEU A 57 -21.28 -8.58 -11.57
N SER A 58 -21.90 -8.79 -12.73
CA SER A 58 -22.33 -10.13 -13.11
C SER A 58 -21.15 -11.02 -13.49
N GLN A 59 -20.07 -10.42 -13.97
CA GLN A 59 -18.91 -11.18 -14.37
C GLN A 59 -17.71 -11.10 -13.41
N LEU A 60 -17.34 -9.89 -13.00
CA LEU A 60 -16.20 -9.71 -12.10
C LEU A 60 -15.02 -10.53 -12.63
N SER A 61 -14.75 -10.41 -13.92
CA SER A 61 -13.69 -11.18 -14.58
C SER A 61 -12.26 -10.95 -14.10
N MET A 62 -11.96 -9.76 -13.58
CA MET A 62 -10.62 -9.46 -13.11
C MET A 62 -10.45 -9.64 -11.60
N LEU A 63 -11.55 -9.92 -10.90
CA LEU A 63 -11.50 -10.07 -9.45
C LEU A 63 -10.61 -11.21 -8.94
N PRO A 64 -10.72 -12.40 -9.53
CA PRO A 64 -9.88 -13.51 -9.09
C PRO A 64 -8.38 -13.18 -9.13
N HIS A 65 -7.94 -12.59 -10.24
CA HIS A 65 -6.54 -12.22 -10.41
C HIS A 65 -6.10 -11.12 -9.42
N LEU A 66 -6.87 -10.03 -9.35
CA LEU A 66 -6.52 -8.94 -8.44
C LEU A 66 -6.62 -9.36 -6.99
N ALA A 67 -7.54 -10.28 -6.69
CA ALA A 67 -7.69 -10.78 -5.32
C ALA A 67 -6.44 -11.55 -4.93
N ASP A 68 -5.91 -12.36 -5.85
CA ASP A 68 -4.70 -13.15 -5.57
C ASP A 68 -3.51 -12.20 -5.42
N LEU A 69 -3.46 -11.20 -6.28
CA LEU A 69 -2.38 -10.21 -6.25
C LEU A 69 -2.37 -9.47 -4.90
N VAL A 70 -3.55 -9.04 -4.47
CA VAL A 70 -3.68 -8.34 -3.20
C VAL A 70 -3.42 -9.27 -2.01
N SER A 71 -3.90 -10.50 -2.10
CA SER A 71 -3.70 -11.48 -1.02
C SER A 71 -2.20 -11.74 -0.87
N TYR A 72 -1.53 -11.94 -2.00
CA TYR A 72 -0.09 -12.18 -2.04
C TYR A 72 0.64 -11.00 -1.41
N SER A 73 0.20 -9.79 -1.77
CA SER A 73 0.81 -8.58 -1.26
C SER A 73 0.62 -8.41 0.24
N ILE A 74 -0.52 -8.83 0.76
CA ILE A 74 -0.76 -8.72 2.19
C ILE A 74 0.22 -9.64 2.93
N GLN A 75 0.53 -10.78 2.32
CA GLN A 75 1.47 -11.70 2.94
C GLN A 75 2.85 -11.03 2.98
N LYS A 76 3.21 -10.34 1.90
CA LYS A 76 4.51 -9.66 1.86
C LYS A 76 4.56 -8.50 2.86
N VAL A 77 3.42 -7.81 3.00
CA VAL A 77 3.33 -6.70 3.94
C VAL A 77 3.51 -7.21 5.38
N ILE A 78 2.92 -8.35 5.69
CA ILE A 78 3.05 -8.92 7.02
C ILE A 78 4.54 -9.18 7.30
N GLY A 79 5.22 -9.74 6.30
CA GLY A 79 6.64 -10.02 6.45
C GLY A 79 7.46 -8.77 6.66
N PHE A 80 7.12 -7.71 5.93
CA PHE A 80 7.80 -6.43 6.03
C PHE A 80 7.62 -5.83 7.42
N ALA A 81 6.38 -5.78 7.87
CA ALA A 81 6.03 -5.21 9.17
C ALA A 81 6.74 -5.88 10.35
N LYS A 82 6.96 -7.19 10.26
CA LYS A 82 7.61 -7.93 11.34
C LYS A 82 9.07 -7.52 11.51
N MET A 83 9.65 -6.95 10.46
CA MET A 83 11.05 -6.51 10.50
C MET A 83 11.21 -5.03 10.87
N ILE A 84 10.09 -4.35 11.12
CA ILE A 84 10.18 -2.96 11.51
C ILE A 84 10.68 -2.92 12.95
N PRO A 85 11.79 -2.22 13.20
CA PRO A 85 12.34 -2.12 14.55
C PRO A 85 11.29 -1.70 15.57
N GLY A 86 11.05 -2.56 16.57
CA GLY A 86 10.07 -2.25 17.59
C GLY A 86 8.71 -2.91 17.43
N PHE A 87 8.34 -3.22 16.20
CA PHE A 87 7.05 -3.86 15.91
C PHE A 87 6.83 -5.13 16.75
N ARG A 88 7.85 -5.98 16.83
CA ARG A 88 7.74 -7.23 17.58
C ARG A 88 7.62 -7.03 19.10
N ASP A 89 7.79 -5.80 19.57
CA ASP A 89 7.69 -5.51 20.99
C ASP A 89 6.23 -5.31 21.38
N LEU A 90 5.38 -5.07 20.39
CA LEU A 90 3.96 -4.88 20.63
C LEU A 90 3.31 -6.23 20.91
N THR A 91 2.13 -6.20 21.52
CA THR A 91 1.40 -7.42 21.80
C THR A 91 0.88 -7.89 20.44
N SER A 92 0.63 -9.19 20.29
CA SER A 92 0.14 -9.69 19.02
C SER A 92 -1.21 -9.07 18.70
N GLU A 93 -1.96 -8.73 19.74
CA GLU A 93 -3.27 -8.12 19.56
C GLU A 93 -3.12 -6.81 18.80
N ASP A 94 -2.15 -5.99 19.19
CA ASP A 94 -1.91 -4.72 18.54
C ASP A 94 -1.28 -4.90 17.16
N GLN A 95 -0.45 -5.93 17.00
CA GLN A 95 0.19 -6.17 15.71
C GLN A 95 -0.87 -6.46 14.65
N ILE A 96 -1.81 -7.34 14.99
CA ILE A 96 -2.87 -7.71 14.06
C ILE A 96 -3.80 -6.54 13.75
N VAL A 97 -4.09 -5.72 14.75
CA VAL A 97 -4.94 -4.56 14.53
C VAL A 97 -4.27 -3.60 13.54
N LEU A 98 -2.97 -3.37 13.74
CA LEU A 98 -2.23 -2.47 12.86
C LEU A 98 -2.12 -3.02 11.43
N LEU A 99 -1.90 -4.33 11.30
CA LEU A 99 -1.79 -4.95 9.99
C LEU A 99 -3.10 -4.90 9.21
N LYS A 100 -4.20 -5.25 9.89
CA LYS A 100 -5.50 -5.24 9.24
C LYS A 100 -5.96 -3.86 8.82
N SER A 101 -5.67 -2.87 9.66
CA SER A 101 -6.07 -1.49 9.40
C SER A 101 -5.28 -0.81 8.31
N SER A 102 -4.00 -1.15 8.18
CA SER A 102 -3.16 -0.50 7.17
C SER A 102 -2.86 -1.29 5.90
N ALA A 103 -3.19 -2.58 5.88
CA ALA A 103 -2.92 -3.43 4.72
C ALA A 103 -3.19 -2.78 3.36
N ILE A 104 -4.43 -2.33 3.12
CA ILE A 104 -4.75 -1.73 1.82
C ILE A 104 -3.96 -0.45 1.54
N GLU A 105 -3.68 0.32 2.60
CA GLU A 105 -2.92 1.55 2.45
C GLU A 105 -1.46 1.29 2.05
N VAL A 106 -0.85 0.29 2.67
CA VAL A 106 0.52 -0.04 2.36
C VAL A 106 0.61 -0.60 0.95
N ILE A 107 -0.43 -1.31 0.53
CA ILE A 107 -0.47 -1.88 -0.81
C ILE A 107 -0.52 -0.76 -1.83
N MET A 108 -1.32 0.27 -1.56
CA MET A 108 -1.41 1.40 -2.47
C MET A 108 -0.06 2.09 -2.52
N LEU A 109 0.58 2.22 -1.36
CA LEU A 109 1.90 2.84 -1.29
C LEU A 109 2.97 2.05 -2.07
N ARG A 110 3.11 0.77 -1.76
CA ARG A 110 4.12 -0.08 -2.40
C ARG A 110 3.89 -0.28 -3.89
N SER A 111 2.64 -0.15 -4.33
CA SER A 111 2.31 -0.32 -5.74
C SER A 111 2.85 0.82 -6.59
N ASN A 112 3.21 1.92 -5.94
CA ASN A 112 3.74 3.08 -6.65
C ASN A 112 5.02 2.70 -7.41
N GLU A 113 5.71 1.66 -6.94
CA GLU A 113 6.93 1.22 -7.57
C GLU A 113 6.68 0.66 -8.98
N SER A 114 5.50 0.12 -9.22
CA SER A 114 5.20 -0.42 -10.55
C SER A 114 4.33 0.53 -11.37
N PHE A 115 3.88 1.62 -10.75
CA PHE A 115 3.06 2.59 -11.45
C PHE A 115 3.96 3.38 -12.38
N THR A 116 3.46 3.70 -13.57
CA THR A 116 4.24 4.46 -14.53
C THR A 116 3.40 5.61 -15.10
N MET A 117 3.98 6.80 -15.15
CA MET A 117 3.27 7.95 -15.67
C MET A 117 3.23 7.97 -17.19
N ASP A 118 3.93 7.02 -17.81
CA ASP A 118 3.93 6.94 -19.26
C ASP A 118 2.51 6.82 -19.78
N ASP A 119 1.70 5.97 -19.15
CA ASP A 119 0.32 5.78 -19.57
C ASP A 119 -0.64 5.59 -18.41
N MET A 120 -0.23 6.02 -17.22
CA MET A 120 -1.04 5.93 -16.01
C MET A 120 -1.51 4.52 -15.71
N SER A 121 -0.55 3.60 -15.61
CA SER A 121 -0.89 2.21 -15.32
C SER A 121 0.14 1.61 -14.39
N TRP A 122 -0.19 0.43 -13.88
CA TRP A 122 0.72 -0.31 -13.03
C TRP A 122 1.21 -1.38 -13.98
N THR A 123 2.48 -1.31 -14.36
CA THR A 123 3.04 -2.26 -15.29
C THR A 123 3.95 -3.25 -14.57
N CYS A 124 3.55 -4.52 -14.57
CA CYS A 124 4.30 -5.54 -13.87
C CYS A 124 4.91 -6.62 -14.75
N GLY A 125 5.81 -6.23 -15.64
CA GLY A 125 6.44 -7.21 -16.52
C GLY A 125 5.88 -7.19 -17.93
N ASN A 126 5.09 -8.20 -18.27
CA ASN A 126 4.51 -8.30 -19.60
C ASN A 126 3.10 -7.71 -19.64
N GLN A 127 2.62 -7.47 -20.86
CA GLN A 127 1.31 -6.88 -21.10
C GLN A 127 0.16 -7.50 -20.32
N ASP A 128 0.23 -8.80 -20.06
CA ASP A 128 -0.83 -9.47 -19.31
C ASP A 128 -0.94 -8.89 -17.91
N TYR A 129 0.20 -8.48 -17.35
CA TYR A 129 0.22 -7.94 -16.00
C TYR A 129 0.33 -6.43 -15.96
N LYS A 130 -0.37 -5.77 -16.88
CA LYS A 130 -0.41 -4.31 -16.91
C LYS A 130 -1.82 -3.99 -16.48
N TYR A 131 -1.96 -3.18 -15.44
CA TYR A 131 -3.28 -2.87 -14.93
C TYR A 131 -3.65 -1.40 -15.15
N ARG A 132 -4.78 -1.18 -15.80
CA ARG A 132 -5.29 0.16 -16.09
C ARG A 132 -6.58 0.36 -15.32
N VAL A 133 -7.12 1.57 -15.40
CA VAL A 133 -8.37 1.92 -14.74
C VAL A 133 -9.50 0.95 -15.12
N SER A 134 -9.54 0.58 -16.39
CA SER A 134 -10.57 -0.32 -16.91
C SER A 134 -10.49 -1.71 -16.30
N ASP A 135 -9.30 -2.13 -15.88
CA ASP A 135 -9.14 -3.45 -15.27
C ASP A 135 -9.67 -3.46 -13.85
N VAL A 136 -9.59 -2.32 -13.17
CA VAL A 136 -10.06 -2.23 -11.80
C VAL A 136 -11.60 -2.19 -11.76
N THR A 137 -12.21 -1.57 -12.76
CA THR A 137 -13.66 -1.51 -12.81
C THR A 137 -14.19 -2.92 -13.05
N LYS A 138 -13.45 -3.72 -13.81
CA LYS A 138 -13.85 -5.09 -14.09
C LYS A 138 -13.73 -5.98 -12.86
N ALA A 139 -13.18 -5.43 -11.77
CA ALA A 139 -13.06 -6.18 -10.53
C ALA A 139 -14.15 -5.76 -9.56
N GLY A 140 -15.06 -4.91 -10.02
CA GLY A 140 -16.16 -4.47 -9.17
C GLY A 140 -16.03 -3.11 -8.49
N HIS A 141 -14.94 -2.40 -8.73
CA HIS A 141 -14.74 -1.08 -8.13
C HIS A 141 -15.17 0.03 -9.06
N SER A 142 -15.57 1.17 -8.50
CA SER A 142 -16.03 2.30 -9.30
C SER A 142 -15.01 3.43 -9.38
N LEU A 143 -15.26 4.39 -10.26
CA LEU A 143 -14.37 5.53 -10.46
C LEU A 143 -14.21 6.36 -9.19
N GLU A 144 -15.19 6.27 -8.30
CA GLU A 144 -15.15 7.02 -7.04
C GLU A 144 -13.87 6.66 -6.26
N LEU A 145 -13.36 5.46 -6.48
CA LEU A 145 -12.15 5.03 -5.81
C LEU A 145 -10.95 5.16 -6.75
N ILE A 146 -11.13 4.66 -7.98
CA ILE A 146 -10.06 4.67 -8.96
C ILE A 146 -9.48 6.02 -9.32
N GLU A 147 -10.32 7.00 -9.61
CA GLU A 147 -9.81 8.33 -9.97
C GLU A 147 -8.94 8.94 -8.86
N PRO A 148 -9.41 8.93 -7.61
CA PRO A 148 -8.59 9.50 -6.53
C PRO A 148 -7.30 8.67 -6.34
N LEU A 149 -7.40 7.38 -6.61
CA LEU A 149 -6.24 6.50 -6.49
C LEU A 149 -5.18 6.86 -7.51
N ILE A 150 -5.59 7.09 -8.76
CA ILE A 150 -4.65 7.43 -9.81
C ILE A 150 -4.01 8.78 -9.49
N LYS A 151 -4.82 9.72 -9.00
CA LYS A 151 -4.30 11.04 -8.65
C LYS A 151 -3.25 10.88 -7.55
N PHE A 152 -3.53 10.00 -6.59
CA PHE A 152 -2.60 9.74 -5.50
C PHE A 152 -1.28 9.19 -6.04
N GLN A 153 -1.36 8.22 -6.96
CA GLN A 153 -0.16 7.61 -7.53
C GLN A 153 0.73 8.64 -8.23
N VAL A 154 0.10 9.53 -9.01
CA VAL A 154 0.83 10.56 -9.72
C VAL A 154 1.47 11.54 -8.73
N GLY A 155 0.70 11.97 -7.74
CA GLY A 155 1.23 12.90 -6.75
C GLY A 155 2.43 12.32 -6.03
N LEU A 156 2.38 11.01 -5.74
CA LEU A 156 3.47 10.35 -5.05
C LEU A 156 4.68 10.21 -5.95
N LYS A 157 4.45 9.86 -7.22
CA LYS A 157 5.55 9.71 -8.17
C LYS A 157 6.34 11.00 -8.28
N LYS A 158 5.63 12.13 -8.30
CA LYS A 158 6.25 13.43 -8.44
C LYS A 158 7.15 13.84 -7.29
N LEU A 159 6.96 13.25 -6.12
CA LEU A 159 7.81 13.57 -4.98
C LEU A 159 9.22 13.03 -5.22
N ASN A 160 9.35 12.09 -6.15
CA ASN A 160 10.66 11.50 -6.46
C ASN A 160 11.38 11.08 -5.18
N LEU A 161 10.71 10.26 -4.39
CA LEU A 161 11.27 9.78 -3.13
C LEU A 161 12.46 8.86 -3.29
N HIS A 162 13.40 8.94 -2.37
CA HIS A 162 14.54 8.03 -2.39
C HIS A 162 13.93 6.75 -1.85
N GLU A 163 14.55 5.60 -2.13
CA GLU A 163 14.01 4.35 -1.61
C GLU A 163 13.96 4.41 -0.09
N GLU A 164 14.96 5.07 0.51
CA GLU A 164 15.01 5.21 1.96
C GLU A 164 13.76 5.91 2.51
N GLU A 165 13.30 6.93 1.80
CA GLU A 165 12.12 7.69 2.20
C GLU A 165 10.85 6.86 1.99
N HIS A 166 10.82 6.13 0.88
CA HIS A 166 9.70 5.26 0.52
C HIS A 166 9.45 4.17 1.57
N VAL A 167 10.51 3.48 2.00
CA VAL A 167 10.33 2.41 2.98
C VAL A 167 10.00 2.94 4.37
N LEU A 168 10.52 4.12 4.70
CA LEU A 168 10.24 4.74 5.98
C LEU A 168 8.77 5.15 6.02
N LEU A 169 8.26 5.65 4.90
CA LEU A 169 6.86 6.07 4.83
C LEU A 169 5.92 4.88 5.05
N MET A 170 6.24 3.73 4.45
CA MET A 170 5.41 2.55 4.61
C MET A 170 5.42 2.08 6.06
N ALA A 171 6.57 2.15 6.70
CA ALA A 171 6.72 1.75 8.10
C ALA A 171 5.89 2.66 9.00
N ILE A 172 6.00 3.96 8.78
CA ILE A 172 5.26 4.94 9.56
C ILE A 172 3.74 4.75 9.39
N CYS A 173 3.33 4.36 8.18
CA CYS A 173 1.93 4.13 7.89
C CYS A 173 1.37 2.96 8.71
N ILE A 174 2.15 1.88 8.81
CA ILE A 174 1.74 0.70 9.56
C ILE A 174 1.67 0.96 11.07
N VAL A 175 2.70 1.59 11.62
CA VAL A 175 2.75 1.86 13.05
C VAL A 175 2.06 3.18 13.40
N SER A 176 0.74 3.22 13.21
CA SER A 176 -0.04 4.43 13.52
C SER A 176 -0.81 4.19 14.81
N PRO A 177 -0.64 5.07 15.80
CA PRO A 177 -1.32 4.96 17.09
C PRO A 177 -2.82 5.29 17.03
N ASP A 178 -3.25 5.99 15.99
CA ASP A 178 -4.64 6.35 15.86
C ASP A 178 -5.47 5.39 15.01
N ARG A 179 -5.21 4.10 15.14
CA ARG A 179 -5.97 3.10 14.40
C ARG A 179 -7.01 2.58 15.40
N PRO A 180 -8.26 2.40 14.95
CA PRO A 180 -9.30 1.90 15.85
C PRO A 180 -8.97 0.55 16.49
N GLY A 181 -9.12 0.47 17.81
CA GLY A 181 -8.88 -0.78 18.50
C GLY A 181 -7.49 -1.05 19.04
N VAL A 182 -6.57 -0.10 18.90
CA VAL A 182 -5.21 -0.31 19.42
C VAL A 182 -5.26 -0.24 20.93
N GLN A 183 -4.49 -1.12 21.58
CA GLN A 183 -4.45 -1.18 23.03
C GLN A 183 -3.40 -0.26 23.64
N ASP A 184 -2.14 -0.47 23.26
CA ASP A 184 -1.06 0.35 23.80
C ASP A 184 -0.62 1.45 22.83
N ALA A 185 -1.43 2.50 22.75
CA ALA A 185 -1.17 3.62 21.86
C ALA A 185 0.12 4.36 22.18
N ALA A 186 0.48 4.45 23.46
CA ALA A 186 1.70 5.15 23.84
C ALA A 186 2.93 4.47 23.28
N LEU A 187 2.95 3.14 23.34
CA LEU A 187 4.07 2.36 22.83
C LEU A 187 4.16 2.54 21.32
N ILE A 188 3.03 2.34 20.64
CA ILE A 188 2.97 2.47 19.19
C ILE A 188 3.46 3.86 18.76
N GLU A 189 3.08 4.89 19.53
CA GLU A 189 3.49 6.25 19.21
C GLU A 189 5.00 6.45 19.36
N ALA A 190 5.59 5.79 20.36
CA ALA A 190 7.02 5.90 20.59
C ALA A 190 7.75 5.28 19.40
N ILE A 191 7.25 4.16 18.93
CA ILE A 191 7.83 3.47 17.78
C ILE A 191 7.72 4.33 16.52
N GLN A 192 6.54 4.89 16.27
CA GLN A 192 6.36 5.73 15.08
C GLN A 192 7.22 6.98 15.16
N ASP A 193 7.29 7.60 16.34
CA ASP A 193 8.11 8.81 16.49
C ASP A 193 9.56 8.54 16.13
N ARG A 194 10.09 7.41 16.56
CA ARG A 194 11.47 7.07 16.25
C ARG A 194 11.67 6.98 14.73
N LEU A 195 10.64 6.49 14.03
CA LEU A 195 10.68 6.36 12.58
C LEU A 195 10.50 7.73 11.94
N SER A 196 9.60 8.55 12.49
CA SER A 196 9.36 9.88 11.97
C SER A 196 10.61 10.74 12.08
N ASN A 197 11.25 10.71 13.24
CA ASN A 197 12.46 11.50 13.45
C ASN A 197 13.58 11.03 12.52
N THR A 198 13.59 9.74 12.21
CA THR A 198 14.61 9.19 11.32
C THR A 198 14.38 9.75 9.91
N LEU A 199 13.11 9.75 9.50
CA LEU A 199 12.75 10.26 8.17
C LEU A 199 13.04 11.76 8.06
N GLN A 200 12.60 12.52 9.06
CA GLN A 200 12.82 13.96 9.05
C GLN A 200 14.31 14.28 9.00
N THR A 201 15.12 13.56 9.78
CA THR A 201 16.57 13.78 9.80
C THR A 201 17.21 13.40 8.47
N TYR A 202 16.78 12.28 7.90
CA TYR A 202 17.33 11.83 6.62
C TYR A 202 17.09 12.86 5.52
N ILE A 203 15.88 13.42 5.48
CA ILE A 203 15.52 14.42 4.47
C ILE A 203 16.37 15.70 4.53
N ARG A 204 16.49 16.27 5.72
CA ARG A 204 17.25 17.51 5.91
C ARG A 204 18.74 17.27 5.71
N CYS A 205 19.16 16.02 5.90
CA CYS A 205 20.56 15.65 5.79
C CYS A 205 21.01 15.07 4.45
N ARG A 206 20.20 14.18 3.87
CA ARG A 206 20.58 13.53 2.62
C ARG A 206 19.79 13.91 1.36
N HIS A 207 18.66 14.59 1.53
CA HIS A 207 17.87 14.94 0.35
C HIS A 207 18.27 16.30 -0.22
N PRO A 208 18.85 16.31 -1.43
CA PRO A 208 19.29 17.54 -2.11
C PRO A 208 18.13 18.39 -2.64
N PRO A 209 18.35 19.72 -2.72
CA PRO A 209 17.33 20.65 -3.21
C PRO A 209 17.20 20.55 -4.73
N PRO A 210 16.14 21.15 -5.30
CA PRO A 210 15.08 21.90 -4.61
C PRO A 210 14.09 21.00 -3.87
N GLY A 211 13.43 21.57 -2.88
CA GLY A 211 12.46 20.81 -2.10
C GLY A 211 13.08 20.12 -0.90
N SER A 212 14.25 20.59 -0.50
CA SER A 212 14.95 20.01 0.65
C SER A 212 13.94 19.88 1.79
N HIS A 213 13.34 21.01 2.16
CA HIS A 213 12.33 21.03 3.20
C HIS A 213 11.00 20.87 2.48
N LEU A 214 9.90 21.05 3.20
CA LEU A 214 8.57 20.92 2.60
C LEU A 214 8.25 19.48 2.22
N LEU A 215 9.28 18.70 1.91
CA LEU A 215 9.09 17.31 1.51
C LEU A 215 8.44 16.49 2.62
N TYR A 216 8.86 16.73 3.87
CA TYR A 216 8.30 16.00 4.99
C TYR A 216 6.80 16.23 5.11
N ALA A 217 6.39 17.49 5.00
CA ALA A 217 4.99 17.86 5.10
C ALA A 217 4.16 17.24 3.98
N LYS A 218 4.73 17.19 2.77
CA LYS A 218 4.04 16.61 1.63
C LYS A 218 3.87 15.11 1.84
N MET A 219 4.86 14.49 2.48
CA MET A 219 4.80 13.05 2.74
C MET A 219 3.76 12.71 3.78
N ILE A 220 3.66 13.55 4.81
CA ILE A 220 2.68 13.33 5.87
C ILE A 220 1.26 13.50 5.33
N GLN A 221 1.09 14.40 4.37
CA GLN A 221 -0.21 14.64 3.78
C GLN A 221 -0.65 13.43 2.95
N LYS A 222 0.31 12.69 2.40
CA LYS A 222 -0.01 11.51 1.61
C LYS A 222 -0.64 10.46 2.53
N LEU A 223 -0.18 10.43 3.78
CA LEU A 223 -0.72 9.48 4.74
C LEU A 223 -2.18 9.81 5.02
N ALA A 224 -2.49 11.11 5.06
CA ALA A 224 -3.86 11.55 5.28
C ALA A 224 -4.70 11.14 4.07
N ASP A 225 -4.13 11.31 2.88
CA ASP A 225 -4.81 10.94 1.64
C ASP A 225 -5.17 9.46 1.64
N LEU A 226 -4.26 8.65 2.14
CA LEU A 226 -4.45 7.20 2.21
C LEU A 226 -5.63 6.80 3.09
N ARG A 227 -5.85 7.55 4.18
CA ARG A 227 -6.96 7.25 5.07
C ARG A 227 -8.26 7.35 4.30
N SER A 228 -8.36 8.40 3.48
CA SER A 228 -9.56 8.63 2.68
C SER A 228 -9.79 7.50 1.68
N LEU A 229 -8.71 7.10 1.00
CA LEU A 229 -8.81 6.03 0.02
C LEU A 229 -9.21 4.75 0.74
N ASN A 230 -8.68 4.54 1.95
CA ASN A 230 -8.98 3.36 2.74
C ASN A 230 -10.49 3.29 3.01
N GLU A 231 -11.05 4.43 3.40
CA GLU A 231 -12.47 4.51 3.69
C GLU A 231 -13.33 4.18 2.47
N GLU A 232 -13.01 4.78 1.34
CA GLU A 232 -13.76 4.53 0.12
C GLU A 232 -13.63 3.06 -0.30
N HIS A 233 -12.44 2.49 -0.17
CA HIS A 233 -12.25 1.09 -0.53
C HIS A 233 -13.15 0.17 0.30
N SER A 234 -13.23 0.47 1.60
CA SER A 234 -14.04 -0.30 2.53
C SER A 234 -15.52 -0.25 2.11
N LYS A 235 -15.99 0.94 1.73
CA LYS A 235 -17.37 1.12 1.32
C LYS A 235 -17.65 0.24 0.10
N GLN A 236 -16.76 0.31 -0.88
CA GLN A 236 -16.93 -0.45 -2.11
C GLN A 236 -16.76 -1.96 -1.92
N TYR A 237 -15.92 -2.36 -0.95
CA TYR A 237 -15.74 -3.77 -0.69
C TYR A 237 -17.05 -4.33 -0.16
N ARG A 238 -17.69 -3.59 0.74
CA ARG A 238 -18.96 -3.99 1.33
C ARG A 238 -19.99 -4.30 0.25
N CYS A 239 -20.18 -3.38 -0.69
CA CYS A 239 -21.14 -3.58 -1.78
C CYS A 239 -20.78 -4.82 -2.57
N LEU A 240 -19.49 -4.98 -2.81
CA LEU A 240 -18.97 -6.11 -3.56
C LEU A 240 -19.31 -7.43 -2.87
N SER A 241 -19.26 -7.43 -1.54
CA SER A 241 -19.55 -8.65 -0.78
C SER A 241 -21.01 -9.07 -0.85
N PHE A 242 -21.87 -8.18 -1.37
CA PHE A 242 -23.29 -8.47 -1.50
C PHE A 242 -23.57 -9.29 -2.75
N GLN A 243 -22.59 -9.33 -3.67
CA GLN A 243 -22.75 -10.08 -4.90
C GLN A 243 -22.61 -11.58 -4.62
N PRO A 244 -23.67 -12.35 -4.91
CA PRO A 244 -23.67 -13.80 -4.69
C PRO A 244 -22.47 -14.53 -5.29
N GLU A 245 -21.90 -15.46 -4.53
CA GLU A 245 -20.75 -16.25 -4.99
C GLU A 245 -19.46 -15.43 -5.13
N CYS A 246 -19.43 -14.25 -4.52
CA CYS A 246 -18.27 -13.38 -4.58
C CYS A 246 -17.10 -13.88 -3.74
N SER A 247 -17.41 -14.48 -2.60
CA SER A 247 -16.37 -14.98 -1.70
C SER A 247 -15.42 -15.97 -2.36
N MET A 248 -15.93 -16.75 -3.30
CA MET A 248 -15.10 -17.74 -4.00
C MET A 248 -14.06 -17.09 -4.89
N LYS A 249 -14.30 -15.84 -5.27
CA LYS A 249 -13.39 -15.13 -6.14
C LYS A 249 -12.31 -14.39 -5.35
N LEU A 250 -12.40 -14.45 -4.03
CA LEU A 250 -11.43 -13.80 -3.17
C LEU A 250 -10.55 -14.87 -2.54
N THR A 251 -10.06 -14.62 -1.33
CA THR A 251 -9.23 -15.59 -0.63
C THR A 251 -9.54 -15.44 0.85
N PRO A 252 -9.28 -16.48 1.65
CA PRO A 252 -9.54 -16.40 3.08
C PRO A 252 -8.87 -15.19 3.73
N LEU A 253 -7.63 -14.90 3.33
CA LEU A 253 -6.89 -13.77 3.88
C LEU A 253 -7.56 -12.44 3.54
N VAL A 254 -7.97 -12.28 2.29
CA VAL A 254 -8.64 -11.05 1.87
C VAL A 254 -9.95 -10.89 2.63
N LEU A 255 -10.70 -11.98 2.74
CA LEU A 255 -11.98 -11.95 3.45
C LEU A 255 -11.83 -11.49 4.89
N GLU A 256 -10.81 -11.99 5.59
CA GLU A 256 -10.60 -11.59 6.98
C GLU A 256 -10.15 -10.15 7.13
N VAL A 257 -9.13 -9.78 6.37
CA VAL A 257 -8.59 -8.42 6.43
C VAL A 257 -9.61 -7.34 6.05
N PHE A 258 -10.38 -7.59 5.00
CA PHE A 258 -11.36 -6.62 4.55
C PHE A 258 -12.76 -6.85 5.09
N GLY A 259 -13.01 -8.04 5.62
CA GLY A 259 -14.31 -8.36 6.16
C GLY A 259 -14.55 -7.74 7.53
O2 MC9 B . 3.51 -3.07 -7.37
O1 MC9 B . 1.78 -5.00 -3.81
C1 MC9 B . 1.88 -4.42 -5.15
C2 MC9 B . 3.00 -5.13 -6.04
C3 MC9 B . 3.10 -4.47 -7.51
C4 MC9 B . 1.69 -4.54 -8.25
C5 MC9 B . 0.50 -3.93 -7.43
C6 MC9 B . -0.43 -3.04 -7.93
C7 MC9 B . -1.61 -2.39 -7.32
C8 MC9 B . -2.73 -1.99 -7.89
C9 MC9 B . -3.05 -2.16 -9.46
C10 MC9 B . 0.48 -4.51 -5.92
C11 MC9 B . -4.40 -3.01 -9.73
C12 MC9 B . -5.57 -2.54 -8.72
C13 MC9 B . -5.24 -2.29 -7.08
C14 MC9 B . -3.90 -1.32 -7.08
C15 MC9 B . -3.72 -1.09 -5.43
C16 MC9 B . -5.24 -1.11 -4.92
C17 MC9 B . -6.10 -1.33 -6.23
C18 MC9 B . -4.94 -3.90 -6.56
C19 MC9 B . -0.64 -5.07 -5.32
C20 MC9 B . -7.63 -1.92 -5.92
C22 MC9 B . -7.88 -2.99 -4.82
C24 MC9 B . -9.14 -5.02 -3.82
C21 MC9 B . -8.57 -0.74 -5.59
C25 MC9 B . -8.91 -6.55 -4.25
C26 MC9 B . -10.13 -6.83 -5.17
C27 MC9 B . -9.61 -7.63 -3.90
O3 MC9 B . -10.50 -4.68 -3.43
C23 MC9 B . -8.67 -4.10 -4.95
#